data_2AOX
#
_entry.id   2AOX
#
_cell.length_a   132.34
_cell.length_b   132.34
_cell.length_c   64.58
_cell.angle_alpha   90.00
_cell.angle_beta   90.00
_cell.angle_gamma   120.00
#
_symmetry.space_group_name_H-M   'P 6'
#
loop_
_entity.id
_entity.type
_entity.pdbx_description
1 polymer 'Histamine N-methyltransferase'
2 non-polymer TACRINE
3 water water
#
_entity_poly.entity_id   1
_entity_poly.type   'polypeptide(L)'
_entity_poly.pdbx_seq_one_letter_code
;MASSMRSLFSDHGKYVESFRRFLNHSTEHQCMQEFMDKKLPGIIGRIGDTKSEIKILSIGGGAGEIDLQILSKVQAQYPG
VCINNEVVEPSAEQIAKYKELVAKTSNLENVKFAWHKETSSEYQSRMLEKKELQKWDFIHMIQMLYYVKDIPATLKFFHS
LLGTNAKMLIIVVSGSSGWDKLWKKYGSRFPQDDLCQYITSDDLTQMLDNLGLKYECYDLLSTMDISDCFIDGNENGDLL
WDFLTETCNFNATAPPDLRAELGKDLQEPEFSAKKEGKVLFNNTLSFIVIEA
;
_entity_poly.pdbx_strand_id   A,B
#
loop_
_chem_comp.id
_chem_comp.type
_chem_comp.name
_chem_comp.formula
THA non-polymer TACRINE 'C13 H14 N2'
#
# COMPACT_ATOMS: atom_id res chain seq x y z
N MET A 5 -33.16 2.19 1.16
CA MET A 5 -31.99 3.00 0.71
C MET A 5 -31.73 2.81 -0.79
N ARG A 6 -31.91 3.88 -1.56
CA ARG A 6 -31.71 3.83 -3.00
C ARG A 6 -30.45 4.58 -3.44
N SER A 7 -29.64 3.94 -4.28
CA SER A 7 -28.40 4.55 -4.77
C SER A 7 -28.59 5.96 -5.29
N LEU A 8 -27.72 6.86 -4.87
CA LEU A 8 -27.77 8.24 -5.31
C LEU A 8 -27.59 8.38 -6.82
N PHE A 9 -26.85 7.46 -7.44
CA PHE A 9 -26.60 7.53 -8.86
C PHE A 9 -27.85 7.26 -9.70
N SER A 10 -28.97 6.98 -9.03
CA SER A 10 -30.23 6.71 -9.73
C SER A 10 -31.15 7.94 -9.78
N ASP A 11 -30.64 9.06 -9.26
CA ASP A 11 -31.38 10.32 -9.24
C ASP A 11 -30.46 11.43 -9.78
N HIS A 12 -30.23 11.36 -11.09
CA HIS A 12 -29.41 12.29 -11.84
C HIS A 12 -29.48 13.70 -11.29
N GLY A 13 -30.67 14.06 -10.83
CA GLY A 13 -30.86 15.40 -10.28
C GLY A 13 -30.03 15.63 -9.04
N LYS A 14 -30.33 14.87 -7.98
CA LYS A 14 -29.65 14.97 -6.70
C LYS A 14 -28.14 14.95 -6.92
N TYR A 15 -27.68 13.83 -7.49
CA TYR A 15 -26.28 13.58 -7.80
C TYR A 15 -25.53 14.86 -8.08
N VAL A 16 -25.82 15.43 -9.24
CA VAL A 16 -25.21 16.68 -9.65
C VAL A 16 -25.18 17.66 -8.49
N GLU A 17 -26.35 18.08 -8.03
CA GLU A 17 -26.41 19.04 -6.94
C GLU A 17 -25.32 18.72 -5.91
N SER A 18 -25.26 17.45 -5.52
CA SER A 18 -24.27 17.01 -4.55
C SER A 18 -22.87 17.15 -5.14
N PHE A 19 -22.63 16.47 -6.26
CA PHE A 19 -21.32 16.55 -6.89
C PHE A 19 -20.81 17.98 -6.87
N ARG A 20 -21.69 18.91 -7.24
CA ARG A 20 -21.39 20.34 -7.28
C ARG A 20 -20.98 20.84 -5.90
N ARG A 21 -21.70 20.37 -4.89
CA ARG A 21 -21.38 20.79 -3.55
C ARG A 21 -20.03 20.18 -3.15
N PHE A 22 -19.72 19.02 -3.72
CA PHE A 22 -18.47 18.35 -3.45
C PHE A 22 -17.29 19.15 -3.96
N LEU A 23 -17.40 19.68 -5.18
CA LEU A 23 -16.32 20.45 -5.74
C LEU A 23 -16.15 21.79 -5.02
N ASN A 24 -17.29 22.40 -4.68
CA ASN A 24 -17.29 23.68 -4.00
C ASN A 24 -16.63 23.63 -2.64
N HIS A 25 -16.63 22.46 -2.01
CA HIS A 25 -16.03 22.33 -0.68
C HIS A 25 -14.88 21.34 -0.62
N SER A 26 -14.05 21.33 -1.65
CA SER A 26 -12.89 20.44 -1.71
C SER A 26 -11.82 21.06 -2.59
N THR A 27 -10.59 20.58 -2.40
CA THR A 27 -9.45 21.05 -3.18
C THR A 27 -9.20 20.09 -4.36
N GLU A 28 -10.20 19.26 -4.66
CA GLU A 28 -10.11 18.28 -5.74
C GLU A 28 -9.48 18.88 -6.98
N HIS A 29 -10.25 19.77 -7.63
CA HIS A 29 -9.85 20.43 -8.87
C HIS A 29 -8.47 21.13 -8.80
N GLN A 30 -8.18 21.81 -7.70
CA GLN A 30 -6.88 22.46 -7.62
C GLN A 30 -5.80 21.40 -7.55
N CYS A 31 -6.11 20.30 -6.89
CA CYS A 31 -5.16 19.21 -6.73
C CYS A 31 -4.64 18.74 -8.09
N MET A 32 -5.54 18.54 -9.03
CA MET A 32 -5.16 18.09 -10.35
C MET A 32 -4.41 19.17 -11.10
N GLN A 33 -4.77 20.42 -10.78
CA GLN A 33 -4.15 21.57 -11.37
C GLN A 33 -2.64 21.50 -11.10
N GLU A 34 -2.28 21.20 -9.85
CA GLU A 34 -0.89 21.08 -9.39
C GLU A 34 -0.20 19.93 -10.08
N PHE A 35 -0.90 18.82 -10.26
CA PHE A 35 -0.29 17.66 -10.91
C PHE A 35 0.09 18.06 -12.35
N MET A 36 -0.88 18.62 -13.06
CA MET A 36 -0.70 19.05 -14.44
C MET A 36 0.42 20.08 -14.61
N ASP A 37 0.64 20.91 -13.60
CA ASP A 37 1.68 21.94 -13.69
C ASP A 37 3.08 21.52 -13.28
N LYS A 38 3.16 20.78 -12.19
CA LYS A 38 4.45 20.39 -11.66
C LYS A 38 4.95 18.99 -11.99
N LYS A 39 4.08 18.14 -12.53
CA LYS A 39 4.45 16.75 -12.82
C LYS A 39 4.23 16.28 -14.25
N LEU A 40 3.07 16.60 -14.81
CA LEU A 40 2.71 16.17 -16.17
C LEU A 40 3.76 16.45 -17.21
N PRO A 41 4.27 17.69 -17.27
CA PRO A 41 5.28 18.04 -18.26
C PRO A 41 6.32 16.93 -18.51
N GLY A 42 7.12 16.62 -17.51
CA GLY A 42 8.15 15.62 -17.66
C GLY A 42 7.59 14.27 -18.06
N ILE A 43 6.34 14.03 -17.69
CA ILE A 43 5.71 12.76 -18.02
C ILE A 43 5.44 12.63 -19.51
N ILE A 44 4.70 13.58 -20.08
CA ILE A 44 4.39 13.52 -21.50
C ILE A 44 5.49 14.12 -22.37
N GLY A 45 6.71 14.19 -21.84
CA GLY A 45 7.87 14.81 -22.50
C GLY A 45 8.33 14.24 -23.84
N ARG A 46 7.91 13.03 -24.22
CA ARG A 46 8.41 12.43 -25.46
C ARG A 46 7.35 11.70 -26.25
N ILE A 47 6.08 11.96 -25.96
CA ILE A 47 5.03 11.24 -26.65
C ILE A 47 4.85 11.74 -28.07
N GLY A 48 5.44 12.89 -28.35
CA GLY A 48 5.35 13.44 -29.68
C GLY A 48 6.55 13.13 -30.55
N ASP A 49 7.70 12.89 -29.92
CA ASP A 49 8.91 12.61 -30.67
C ASP A 49 8.66 11.82 -31.94
N THR A 50 9.18 12.36 -33.04
CA THR A 50 9.09 11.77 -34.37
C THR A 50 7.73 11.67 -35.03
N LYS A 51 6.67 12.16 -34.40
CA LYS A 51 5.33 12.05 -34.99
C LYS A 51 4.83 13.38 -35.54
N SER A 52 4.14 13.35 -36.67
CA SER A 52 3.64 14.60 -37.26
C SER A 52 2.18 14.81 -36.90
N GLU A 53 1.73 14.03 -35.94
CA GLU A 53 0.37 14.11 -35.46
C GLU A 53 0.35 13.44 -34.12
N ILE A 54 -0.03 14.18 -33.09
CA ILE A 54 -0.11 13.61 -31.76
C ILE A 54 -1.56 13.25 -31.43
N LYS A 55 -1.83 11.97 -31.17
CA LYS A 55 -3.18 11.50 -30.85
C LYS A 55 -3.39 11.36 -29.33
N ILE A 56 -4.48 11.95 -28.82
CA ILE A 56 -4.80 11.89 -27.39
C ILE A 56 -6.23 11.42 -27.18
N LEU A 57 -6.37 10.25 -26.55
CA LEU A 57 -7.68 9.68 -26.28
C LEU A 57 -8.10 9.86 -24.82
N SER A 58 -9.22 10.55 -24.61
CA SER A 58 -9.69 10.75 -23.26
C SER A 58 -11.01 10.02 -22.99
N ILE A 59 -10.97 9.15 -22.00
CA ILE A 59 -12.15 8.38 -21.63
C ILE A 59 -12.89 9.12 -20.53
N GLY A 60 -14.00 9.76 -20.87
CA GLY A 60 -14.76 10.53 -19.90
C GLY A 60 -14.77 12.03 -20.22
N GLY A 61 -15.97 12.58 -20.36
CA GLY A 61 -16.09 14.00 -20.64
C GLY A 61 -16.42 14.84 -19.42
N GLY A 62 -16.05 14.35 -18.24
CA GLY A 62 -16.35 15.07 -17.01
C GLY A 62 -15.36 16.15 -16.60
N ALA A 63 -14.11 16.06 -17.05
CA ALA A 63 -13.12 17.07 -16.66
C ALA A 63 -12.62 17.86 -17.84
N GLY A 64 -13.56 18.33 -18.67
CA GLY A 64 -13.23 19.12 -19.85
C GLY A 64 -12.12 20.11 -19.57
N GLU A 65 -12.35 20.98 -18.60
CA GLU A 65 -11.36 21.96 -18.22
C GLU A 65 -9.97 21.34 -17.95
N ILE A 66 -9.95 20.11 -17.45
CA ILE A 66 -8.69 19.43 -17.18
C ILE A 66 -8.09 18.90 -18.48
N ASP A 67 -8.95 18.39 -19.36
CA ASP A 67 -8.50 17.89 -20.64
C ASP A 67 -7.78 19.02 -21.38
N LEU A 68 -8.42 20.18 -21.43
CA LEU A 68 -7.87 21.34 -22.10
C LEU A 68 -6.53 21.71 -21.53
N GLN A 69 -6.40 21.56 -20.22
CA GLN A 69 -5.17 21.88 -19.55
C GLN A 69 -4.06 20.91 -19.96
N ILE A 70 -4.45 19.68 -20.24
CA ILE A 70 -3.48 18.68 -20.67
C ILE A 70 -2.95 19.18 -22.01
N LEU A 71 -3.86 19.54 -22.92
CA LEU A 71 -3.48 20.03 -24.25
C LEU A 71 -2.46 21.14 -24.14
N SER A 72 -2.74 22.09 -23.27
CA SER A 72 -1.84 23.20 -23.05
C SER A 72 -0.41 22.73 -22.83
N LYS A 73 -0.24 21.70 -22.01
CA LYS A 73 1.10 21.19 -21.73
C LYS A 73 1.66 20.41 -22.91
N VAL A 74 0.82 19.76 -23.68
CA VAL A 74 1.32 18.99 -24.81
C VAL A 74 1.74 19.94 -25.95
N GLN A 75 1.05 21.05 -26.10
CA GLN A 75 1.37 22.00 -27.16
C GLN A 75 2.69 22.70 -26.88
N ALA A 76 2.92 22.95 -25.60
CA ALA A 76 4.13 23.63 -25.19
C ALA A 76 5.35 22.80 -25.55
N GLN A 77 5.28 21.50 -25.32
CA GLN A 77 6.41 20.65 -25.63
C GLN A 77 6.60 20.43 -27.15
N TYR A 78 5.50 20.44 -27.89
CA TYR A 78 5.55 20.21 -29.33
C TYR A 78 4.84 21.31 -30.09
N PRO A 79 5.54 22.44 -30.31
CA PRO A 79 5.01 23.61 -31.03
C PRO A 79 4.75 23.25 -32.46
N GLY A 80 3.62 23.69 -33.00
CA GLY A 80 3.30 23.42 -34.39
C GLY A 80 2.64 22.09 -34.69
N VAL A 81 2.99 21.08 -33.93
CA VAL A 81 2.41 19.75 -34.14
C VAL A 81 0.89 19.72 -33.94
N CYS A 82 0.16 19.26 -34.95
CA CYS A 82 -1.30 19.16 -34.88
C CYS A 82 -1.75 18.09 -33.87
N ILE A 83 -2.83 18.35 -33.13
CA ILE A 83 -3.33 17.38 -32.16
C ILE A 83 -4.77 16.89 -32.36
N ASN A 84 -4.94 15.57 -32.38
CA ASN A 84 -6.24 14.91 -32.54
C ASN A 84 -6.66 14.36 -31.15
N ASN A 85 -7.67 14.98 -30.56
CA ASN A 85 -8.15 14.61 -29.24
C ASN A 85 -9.56 14.00 -29.33
N GLU A 86 -9.70 12.71 -29.11
CA GLU A 86 -11.05 12.13 -29.14
C GLU A 86 -11.59 11.97 -27.71
N VAL A 87 -12.89 12.11 -27.54
CA VAL A 87 -13.47 11.95 -26.22
C VAL A 87 -14.54 10.86 -26.18
N VAL A 88 -14.44 9.96 -25.22
CA VAL A 88 -15.42 8.88 -25.11
C VAL A 88 -16.30 9.01 -23.87
N GLU A 89 -17.43 9.68 -24.05
CA GLU A 89 -18.36 9.94 -22.98
C GLU A 89 -19.80 9.50 -23.30
N PRO A 90 -20.45 8.84 -22.33
CA PRO A 90 -21.82 8.36 -22.50
C PRO A 90 -22.90 9.43 -22.28
N SER A 91 -22.63 10.41 -21.42
CA SER A 91 -23.59 11.47 -21.10
C SER A 91 -23.67 12.60 -22.11
N ALA A 92 -24.82 12.73 -22.76
CA ALA A 92 -24.97 13.80 -23.73
C ALA A 92 -24.83 15.14 -23.03
N GLU A 93 -25.36 15.22 -21.81
CA GLU A 93 -25.29 16.45 -21.05
C GLU A 93 -23.83 16.88 -20.94
N GLN A 94 -22.94 15.94 -20.70
CA GLN A 94 -21.52 16.27 -20.57
C GLN A 94 -20.97 16.79 -21.89
N ILE A 95 -20.97 15.94 -22.92
CA ILE A 95 -20.47 16.33 -24.23
C ILE A 95 -20.93 17.73 -24.53
N ALA A 96 -22.24 17.92 -24.43
CA ALA A 96 -22.87 19.21 -24.67
C ALA A 96 -22.12 20.33 -23.97
N LYS A 97 -21.85 20.13 -22.67
CA LYS A 97 -21.14 21.12 -21.89
C LYS A 97 -19.71 21.29 -22.44
N TYR A 98 -19.01 20.16 -22.62
CA TYR A 98 -17.65 20.14 -23.15
C TYR A 98 -17.59 21.12 -24.32
N LYS A 99 -18.34 20.80 -25.36
CA LYS A 99 -18.40 21.65 -26.54
C LYS A 99 -18.47 23.13 -26.23
N GLU A 100 -19.42 23.54 -25.39
CA GLU A 100 -19.57 24.95 -25.04
C GLU A 100 -18.20 25.46 -24.65
N LEU A 101 -17.53 24.72 -23.78
CA LEU A 101 -16.22 25.10 -23.30
C LEU A 101 -15.21 25.31 -24.42
N VAL A 102 -15.24 24.43 -25.40
CA VAL A 102 -14.31 24.52 -26.52
C VAL A 102 -14.46 25.84 -27.27
N ALA A 103 -15.70 26.17 -27.61
CA ALA A 103 -16.02 27.38 -28.34
C ALA A 103 -15.52 28.65 -27.67
N LYS A 104 -15.48 28.65 -26.34
CA LYS A 104 -15.05 29.85 -25.62
C LYS A 104 -13.55 29.84 -25.34
N THR A 105 -12.82 28.91 -25.94
CA THR A 105 -11.41 28.87 -25.65
C THR A 105 -10.53 29.21 -26.84
N SER A 106 -9.36 29.79 -26.55
CA SER A 106 -8.41 30.16 -27.59
C SER A 106 -7.23 29.20 -27.66
N ASN A 107 -6.34 29.47 -28.61
CA ASN A 107 -5.14 28.67 -28.83
C ASN A 107 -5.43 27.20 -29.09
N LEU A 108 -6.52 26.92 -29.80
CA LEU A 108 -6.92 25.55 -30.14
C LEU A 108 -7.13 25.38 -31.63
N GLU A 109 -6.27 26.01 -32.42
CA GLU A 109 -6.38 25.93 -33.87
C GLU A 109 -5.66 24.67 -34.35
N ASN A 110 -4.62 24.27 -33.61
CA ASN A 110 -3.84 23.09 -33.95
C ASN A 110 -4.38 21.85 -33.21
N VAL A 111 -5.69 21.84 -32.98
CA VAL A 111 -6.32 20.73 -32.29
C VAL A 111 -7.61 20.35 -32.99
N LYS A 112 -7.85 19.06 -33.16
CA LYS A 112 -9.07 18.59 -33.78
C LYS A 112 -9.82 17.72 -32.76
N PHE A 113 -11.09 18.07 -32.50
CA PHE A 113 -11.90 17.31 -31.54
C PHE A 113 -12.92 16.41 -32.22
N ALA A 114 -13.30 15.36 -31.51
CA ALA A 114 -14.26 14.38 -32.00
C ALA A 114 -14.89 13.67 -30.80
N TRP A 115 -16.17 13.89 -30.57
CA TRP A 115 -16.82 13.23 -29.44
C TRP A 115 -17.61 12.01 -29.85
N HIS A 116 -17.44 10.92 -29.09
CA HIS A 116 -18.17 9.68 -29.34
C HIS A 116 -19.05 9.40 -28.11
N LYS A 117 -20.35 9.31 -28.34
CA LYS A 117 -21.30 9.08 -27.26
C LYS A 117 -21.45 7.59 -26.97
N GLU A 118 -20.70 7.09 -25.99
CA GLU A 118 -20.77 5.68 -25.63
C GLU A 118 -19.93 5.39 -24.39
N THR A 119 -19.81 4.11 -24.05
CA THR A 119 -19.03 3.73 -22.89
C THR A 119 -17.72 3.11 -23.32
N SER A 120 -16.75 3.12 -22.41
CA SER A 120 -15.45 2.53 -22.67
C SER A 120 -15.69 1.16 -23.26
N SER A 121 -16.62 0.43 -22.65
CA SER A 121 -16.98 -0.92 -23.06
C SER A 121 -17.51 -0.98 -24.48
N GLU A 122 -18.54 -0.18 -24.75
CA GLU A 122 -19.14 -0.15 -26.08
C GLU A 122 -18.06 0.21 -27.09
N TYR A 123 -17.35 1.31 -26.82
CA TYR A 123 -16.26 1.77 -27.68
C TYR A 123 -15.31 0.60 -27.98
N GLN A 124 -14.81 -0.02 -26.91
CA GLN A 124 -13.89 -1.15 -27.03
C GLN A 124 -14.47 -2.27 -27.88
N SER A 125 -15.71 -2.62 -27.64
CA SER A 125 -16.35 -3.69 -28.40
C SER A 125 -16.25 -3.32 -29.86
N ARG A 126 -16.77 -2.15 -30.22
CA ARG A 126 -16.74 -1.73 -31.61
C ARG A 126 -15.39 -1.95 -32.25
N MET A 127 -14.38 -1.22 -31.77
CA MET A 127 -13.04 -1.33 -32.33
C MET A 127 -12.66 -2.76 -32.76
N LEU A 128 -12.89 -3.74 -31.89
CA LEU A 128 -12.56 -5.14 -32.23
C LEU A 128 -13.18 -5.59 -33.54
N GLU A 129 -14.37 -5.07 -33.86
CA GLU A 129 -15.04 -5.42 -35.10
C GLU A 129 -14.20 -4.94 -36.28
N LYS A 130 -13.58 -3.78 -36.11
CA LYS A 130 -12.72 -3.24 -37.17
C LYS A 130 -11.61 -4.26 -37.37
N LYS A 131 -11.04 -4.29 -38.56
CA LYS A 131 -9.97 -5.25 -38.84
C LYS A 131 -8.69 -4.70 -38.26
N GLU A 132 -8.39 -3.46 -38.63
CA GLU A 132 -7.20 -2.75 -38.19
C GLU A 132 -7.30 -2.30 -36.73
N LEU A 133 -6.16 -2.28 -36.05
CA LEU A 133 -6.11 -1.81 -34.67
C LEU A 133 -5.38 -0.46 -34.75
N GLN A 134 -5.93 0.56 -34.09
CA GLN A 134 -5.33 1.88 -34.12
C GLN A 134 -4.64 2.18 -32.79
N LYS A 135 -3.47 2.80 -32.86
CA LYS A 135 -2.73 3.13 -31.65
C LYS A 135 -2.91 4.59 -31.21
N TRP A 136 -2.39 4.95 -30.05
CA TRP A 136 -2.50 6.30 -29.52
C TRP A 136 -1.26 6.69 -28.77
N ASP A 137 -1.00 8.00 -28.69
CA ASP A 137 0.16 8.52 -27.99
C ASP A 137 -0.11 8.87 -26.52
N PHE A 138 -1.34 9.25 -26.20
CA PHE A 138 -1.68 9.54 -24.81
C PHE A 138 -3.12 9.19 -24.46
N ILE A 139 -3.30 8.33 -23.48
CA ILE A 139 -4.61 7.92 -23.05
C ILE A 139 -4.74 8.36 -21.59
N HIS A 140 -5.94 8.67 -21.15
CA HIS A 140 -6.07 9.04 -19.75
C HIS A 140 -7.46 8.80 -19.25
N MET A 141 -7.53 8.42 -17.98
CA MET A 141 -8.80 8.10 -17.35
C MET A 141 -8.89 8.80 -16.00
N ILE A 142 -9.48 10.00 -15.99
CA ILE A 142 -9.60 10.77 -14.75
C ILE A 142 -10.90 10.42 -14.00
N GLN A 143 -10.78 9.97 -12.77
CA GLN A 143 -11.94 9.64 -11.97
C GLN A 143 -13.13 9.01 -12.68
N MET A 144 -12.97 7.87 -13.34
CA MET A 144 -14.15 7.26 -13.96
C MET A 144 -14.21 5.72 -13.94
N LEU A 145 -13.16 5.07 -13.43
CA LEU A 145 -13.14 3.60 -13.37
C LEU A 145 -14.26 3.10 -12.51
N TYR A 146 -14.67 3.93 -11.55
CA TYR A 146 -15.75 3.55 -10.68
C TYR A 146 -16.90 3.00 -11.50
N TYR A 147 -17.05 3.53 -12.71
CA TYR A 147 -18.13 3.15 -13.59
C TYR A 147 -17.82 2.12 -14.64
N VAL A 148 -16.68 1.45 -14.50
CA VAL A 148 -16.28 0.40 -15.45
C VAL A 148 -16.63 -0.96 -14.86
N LYS A 149 -17.17 -1.87 -15.68
CA LYS A 149 -17.52 -3.17 -15.13
C LYS A 149 -16.31 -4.07 -15.01
N ASP A 150 -15.58 -4.21 -16.12
CA ASP A 150 -14.40 -5.06 -16.16
C ASP A 150 -13.10 -4.24 -16.11
N ILE A 151 -12.60 -3.96 -14.91
CA ILE A 151 -11.39 -3.17 -14.80
C ILE A 151 -10.22 -3.88 -15.44
N PRO A 152 -9.83 -5.06 -14.92
CA PRO A 152 -8.69 -5.76 -15.54
C PRO A 152 -8.71 -5.77 -17.07
N ALA A 153 -9.84 -6.15 -17.64
CA ALA A 153 -9.98 -6.19 -19.10
C ALA A 153 -9.80 -4.80 -19.72
N THR A 154 -10.42 -3.80 -19.11
CA THR A 154 -10.32 -2.45 -19.61
C THR A 154 -8.88 -1.97 -19.61
N LEU A 155 -8.16 -2.18 -18.52
CA LEU A 155 -6.77 -1.76 -18.44
C LEU A 155 -5.90 -2.37 -19.52
N LYS A 156 -5.94 -3.68 -19.62
CA LYS A 156 -5.14 -4.40 -20.60
C LYS A 156 -5.39 -3.96 -22.02
N PHE A 157 -6.65 -3.76 -22.35
CA PHE A 157 -7.03 -3.34 -23.70
C PHE A 157 -6.36 -2.04 -24.14
N PHE A 158 -6.69 -0.95 -23.46
CA PHE A 158 -6.14 0.34 -23.78
C PHE A 158 -4.64 0.36 -23.69
N HIS A 159 -4.05 -0.46 -22.85
CA HIS A 159 -2.60 -0.48 -22.81
C HIS A 159 -2.13 -0.91 -24.18
N SER A 160 -2.81 -1.90 -24.75
CA SER A 160 -2.42 -2.40 -26.07
C SER A 160 -2.64 -1.37 -27.16
N LEU A 161 -3.42 -0.35 -26.88
CA LEU A 161 -3.65 0.68 -27.89
C LEU A 161 -2.55 1.73 -27.86
N LEU A 162 -1.65 1.64 -26.89
CA LEU A 162 -0.58 2.62 -26.80
C LEU A 162 0.47 2.44 -27.89
N GLY A 163 0.91 3.54 -28.47
CA GLY A 163 1.94 3.47 -29.49
C GLY A 163 3.30 3.59 -28.85
N THR A 164 4.30 3.94 -29.64
CA THR A 164 5.68 4.08 -29.19
C THR A 164 5.86 5.21 -28.20
N ASN A 165 6.47 4.92 -27.06
CA ASN A 165 6.69 5.95 -26.04
C ASN A 165 5.41 6.61 -25.55
N ALA A 166 4.29 5.97 -25.81
CA ALA A 166 3.00 6.47 -25.39
C ALA A 166 2.86 6.29 -23.89
N LYS A 167 1.81 6.87 -23.30
CA LYS A 167 1.55 6.75 -21.87
C LYS A 167 0.09 6.85 -21.56
N MET A 168 -0.33 6.12 -20.53
CA MET A 168 -1.71 6.09 -20.07
C MET A 168 -1.72 6.61 -18.64
N LEU A 169 -2.60 7.58 -18.37
CA LEU A 169 -2.68 8.16 -17.04
C LEU A 169 -4.03 7.91 -16.40
N ILE A 170 -4.00 7.42 -15.16
CA ILE A 170 -5.23 7.13 -14.44
C ILE A 170 -5.29 7.77 -13.05
N ILE A 171 -6.44 8.35 -12.74
CA ILE A 171 -6.65 8.97 -11.45
C ILE A 171 -7.83 8.36 -10.71
N VAL A 172 -7.59 8.01 -9.45
CA VAL A 172 -8.61 7.44 -8.55
C VAL A 172 -8.23 7.92 -7.17
N VAL A 173 -9.14 7.77 -6.20
CA VAL A 173 -8.84 8.19 -4.83
C VAL A 173 -7.78 7.26 -4.25
N SER A 174 -6.85 7.82 -3.49
CA SER A 174 -5.78 7.02 -2.92
C SER A 174 -6.14 5.99 -1.87
N GLY A 175 -5.36 4.91 -1.85
CA GLY A 175 -5.60 3.88 -0.88
C GLY A 175 -5.60 4.55 0.48
N SER A 176 -4.52 5.25 0.81
CA SER A 176 -4.46 5.92 2.10
C SER A 176 -5.34 7.19 2.03
N SER A 177 -6.64 7.01 2.20
CA SER A 177 -7.55 8.13 2.15
C SER A 177 -8.80 7.79 2.94
N GLY A 178 -9.56 8.85 3.27
CA GLY A 178 -10.78 8.68 4.02
C GLY A 178 -11.70 7.70 3.34
N TRP A 179 -11.92 7.90 2.04
CA TRP A 179 -12.77 7.02 1.26
C TRP A 179 -12.44 5.55 1.53
N ASP A 180 -11.15 5.22 1.54
CA ASP A 180 -10.74 3.86 1.76
C ASP A 180 -11.35 3.35 3.07
N LYS A 181 -11.15 4.12 4.12
CA LYS A 181 -11.69 3.74 5.41
C LYS A 181 -13.20 3.64 5.29
N LEU A 182 -13.82 4.72 4.86
CA LEU A 182 -15.27 4.77 4.70
C LEU A 182 -15.86 3.54 4.02
N TRP A 183 -15.17 3.00 3.02
CA TRP A 183 -15.70 1.83 2.34
C TRP A 183 -15.33 0.49 2.95
N LYS A 184 -14.08 0.33 3.38
CA LYS A 184 -13.69 -0.95 3.96
C LYS A 184 -14.60 -1.29 5.10
N LYS A 185 -14.97 -0.27 5.87
CA LYS A 185 -15.83 -0.46 7.04
C LYS A 185 -17.35 -0.38 6.84
N TYR A 186 -17.83 0.66 6.19
CA TYR A 186 -19.26 0.83 5.99
C TYR A 186 -19.87 0.32 4.69
N GLY A 187 -19.07 0.24 3.63
CA GLY A 187 -19.56 -0.21 2.33
C GLY A 187 -20.77 -1.13 2.33
N SER A 188 -20.57 -2.34 2.83
CA SER A 188 -21.62 -3.34 2.90
C SER A 188 -22.96 -2.73 3.32
N ARG A 189 -22.89 -1.76 4.21
CA ARG A 189 -24.08 -1.13 4.71
C ARG A 189 -24.65 0.03 3.88
N PHE A 190 -24.22 0.15 2.62
CA PHE A 190 -24.74 1.20 1.73
C PHE A 190 -25.37 0.54 0.50
N PRO A 191 -26.27 1.27 -0.20
CA PRO A 191 -26.93 0.74 -1.40
C PRO A 191 -26.02 0.20 -2.50
N GLN A 192 -26.02 -1.12 -2.67
CA GLN A 192 -25.20 -1.80 -3.68
C GLN A 192 -25.74 -1.66 -5.11
N ASP A 193 -25.16 -0.72 -5.85
CA ASP A 193 -25.55 -0.46 -7.23
C ASP A 193 -24.65 -1.27 -8.17
N ASP A 194 -25.13 -1.44 -9.40
CA ASP A 194 -24.43 -2.18 -10.43
C ASP A 194 -23.64 -1.23 -11.31
N LEU A 195 -24.04 0.04 -11.24
CA LEU A 195 -23.41 1.11 -11.99
C LEU A 195 -22.11 1.56 -11.35
N CYS A 196 -22.15 1.82 -10.04
CA CYS A 196 -20.96 2.25 -9.35
C CYS A 196 -20.18 1.05 -8.84
N GLN A 197 -18.99 1.30 -8.32
CA GLN A 197 -18.12 0.26 -7.80
C GLN A 197 -17.00 0.90 -7.01
N TYR A 198 -16.91 0.59 -5.72
CA TYR A 198 -15.87 1.15 -4.85
C TYR A 198 -14.49 0.65 -5.25
N ILE A 199 -13.57 1.54 -5.55
CA ILE A 199 -12.24 1.14 -5.96
C ILE A 199 -11.17 2.16 -5.55
N THR A 200 -10.05 1.68 -5.04
CA THR A 200 -8.98 2.59 -4.62
C THR A 200 -7.70 2.29 -5.36
N SER A 201 -6.74 3.22 -5.26
CA SER A 201 -5.47 3.06 -5.94
C SER A 201 -4.84 1.72 -5.60
N ASP A 202 -5.28 1.16 -4.48
CA ASP A 202 -4.74 -0.11 -4.01
C ASP A 202 -5.23 -1.23 -4.91
N ASP A 203 -6.54 -1.34 -5.01
CA ASP A 203 -7.13 -2.35 -5.86
C ASP A 203 -6.43 -2.29 -7.22
N LEU A 204 -6.11 -1.06 -7.62
CA LEU A 204 -5.47 -0.82 -8.89
C LEU A 204 -4.10 -1.42 -9.05
N THR A 205 -3.21 -1.17 -8.12
CA THR A 205 -1.87 -1.70 -8.29
C THR A 205 -1.83 -3.21 -8.30
N GLN A 206 -2.69 -3.84 -7.51
CA GLN A 206 -2.74 -5.30 -7.47
C GLN A 206 -3.08 -5.77 -8.89
N MET A 207 -4.18 -5.28 -9.43
CA MET A 207 -4.57 -5.66 -10.79
C MET A 207 -3.44 -5.45 -11.82
N LEU A 208 -2.80 -4.28 -11.75
CA LEU A 208 -1.71 -3.96 -12.65
C LEU A 208 -0.55 -4.91 -12.40
N ASP A 209 -0.26 -5.23 -11.14
CA ASP A 209 0.84 -6.17 -10.84
C ASP A 209 0.58 -7.53 -11.49
N ASN A 210 -0.61 -8.07 -11.22
CA ASN A 210 -1.01 -9.34 -11.80
C ASN A 210 -1.05 -9.24 -13.33
N LEU A 211 -1.25 -8.05 -13.87
CA LEU A 211 -1.26 -7.91 -15.33
C LEU A 211 0.16 -7.87 -15.87
N GLY A 212 1.10 -7.49 -15.01
CA GLY A 212 2.48 -7.43 -15.42
C GLY A 212 2.94 -6.15 -16.08
N LEU A 213 2.12 -5.12 -15.99
CA LEU A 213 2.47 -3.84 -16.59
C LEU A 213 3.38 -3.01 -15.71
N LYS A 214 4.16 -2.12 -16.32
CA LYS A 214 5.08 -1.25 -15.58
C LYS A 214 4.40 0.09 -15.35
N TYR A 215 4.17 0.43 -14.09
CA TYR A 215 3.49 1.67 -13.76
C TYR A 215 4.25 2.49 -12.72
N GLU A 216 3.75 3.68 -12.45
CA GLU A 216 4.36 4.54 -11.45
C GLU A 216 3.20 5.31 -10.81
N CYS A 217 3.04 5.21 -9.49
CA CYS A 217 1.96 5.85 -8.75
C CYS A 217 2.41 7.09 -7.98
N TYR A 218 1.60 8.16 -8.02
CA TYR A 218 1.88 9.41 -7.30
C TYR A 218 0.68 9.85 -6.46
N ASP A 219 0.91 10.16 -5.19
CA ASP A 219 -0.17 10.59 -4.29
C ASP A 219 -0.01 12.06 -3.90
N LEU A 220 -1.11 12.80 -3.89
CA LEU A 220 -1.08 14.19 -3.51
C LEU A 220 -2.24 14.38 -2.57
N LEU A 221 -2.07 15.25 -1.58
CA LEU A 221 -3.14 15.48 -0.62
C LEU A 221 -4.27 16.37 -1.16
N SER A 222 -5.49 16.04 -0.79
CA SER A 222 -6.67 16.80 -1.18
C SER A 222 -7.68 16.65 -0.04
N THR A 223 -8.45 17.71 0.25
CA THR A 223 -9.43 17.66 1.32
C THR A 223 -10.84 18.00 0.90
N MET A 224 -11.79 17.61 1.76
CA MET A 224 -13.21 17.85 1.56
C MET A 224 -13.75 18.37 2.88
N ASP A 225 -14.08 19.66 2.91
CA ASP A 225 -14.61 20.30 4.10
C ASP A 225 -16.03 19.79 4.34
N ILE A 226 -16.18 18.92 5.35
CA ILE A 226 -17.47 18.34 5.67
C ILE A 226 -18.09 18.96 6.92
N SER A 227 -17.58 20.13 7.30
CA SER A 227 -18.07 20.83 8.48
C SER A 227 -19.61 20.92 8.60
N ASP A 228 -20.28 21.36 7.54
CA ASP A 228 -21.74 21.44 7.58
C ASP A 228 -22.45 20.08 7.75
N CYS A 229 -21.68 19.03 7.99
CA CYS A 229 -22.28 17.71 8.15
C CYS A 229 -22.59 17.40 9.59
N PHE A 230 -22.28 18.33 10.48
CA PHE A 230 -22.53 18.12 11.90
C PHE A 230 -23.63 19.07 12.39
N ILE A 231 -23.95 20.04 11.56
CA ILE A 231 -24.98 21.04 11.84
C ILE A 231 -26.36 20.51 11.47
N ASP A 232 -26.92 19.62 12.29
CA ASP A 232 -28.25 19.05 12.02
C ASP A 232 -29.18 20.07 11.37
N GLY A 233 -29.80 19.67 10.25
CA GLY A 233 -30.72 20.55 9.55
C GLY A 233 -30.18 21.36 8.38
N ASN A 234 -28.86 21.60 8.38
CA ASN A 234 -28.17 22.35 7.31
C ASN A 234 -28.44 21.72 5.93
N GLU A 235 -28.89 22.54 4.98
CA GLU A 235 -29.15 22.01 3.64
C GLU A 235 -27.85 21.50 3.03
N ASN A 236 -26.84 22.35 3.04
CA ASN A 236 -25.54 21.97 2.49
C ASN A 236 -25.08 20.66 3.13
N GLY A 237 -25.02 20.64 4.46
CA GLY A 237 -24.61 19.46 5.18
C GLY A 237 -25.29 18.21 4.63
N ASP A 238 -26.59 18.30 4.35
CA ASP A 238 -27.36 17.18 3.82
C ASP A 238 -26.83 16.63 2.48
N LEU A 239 -26.56 17.53 1.53
CA LEU A 239 -26.05 17.14 0.22
C LEU A 239 -24.74 16.35 0.40
N LEU A 240 -23.78 16.95 1.10
CA LEU A 240 -22.51 16.27 1.33
C LEU A 240 -22.80 14.84 1.82
N TRP A 241 -23.60 14.71 2.86
CA TRP A 241 -23.93 13.40 3.41
C TRP A 241 -24.35 12.48 2.26
N ASP A 242 -25.17 13.01 1.37
CA ASP A 242 -25.64 12.22 0.22
C ASP A 242 -24.47 11.70 -0.64
N PHE A 243 -23.45 12.53 -0.77
CA PHE A 243 -22.28 12.17 -1.55
C PHE A 243 -21.48 11.04 -0.93
N LEU A 244 -20.98 11.21 0.30
CA LEU A 244 -20.18 10.17 0.96
C LEU A 244 -20.91 8.84 0.93
N THR A 245 -22.21 8.90 1.15
CA THR A 245 -23.05 7.72 1.21
C THR A 245 -23.57 7.31 -0.15
N GLU A 246 -23.34 8.16 -1.15
CA GLU A 246 -23.78 7.86 -2.50
C GLU A 246 -25.23 7.39 -2.47
N THR A 247 -26.02 8.01 -1.60
CA THR A 247 -27.43 7.68 -1.46
C THR A 247 -28.28 8.93 -1.46
N CYS A 248 -29.53 8.69 -1.77
CA CYS A 248 -30.44 9.79 -1.79
C CYS A 248 -30.94 10.07 -0.38
N ASN A 249 -31.16 11.39 -0.17
CA ASN A 249 -31.65 12.00 1.06
C ASN A 249 -31.21 11.16 2.29
N PHE A 250 -29.95 10.72 2.25
CA PHE A 250 -29.37 9.87 3.28
C PHE A 250 -30.09 9.97 4.66
N ASN A 251 -29.95 11.09 5.39
CA ASN A 251 -30.57 11.30 6.70
C ASN A 251 -31.98 10.77 6.84
N ALA A 252 -32.92 11.41 6.16
CA ALA A 252 -34.32 11.04 6.27
C ALA A 252 -34.66 9.68 5.69
N THR A 253 -33.67 8.89 5.28
CA THR A 253 -33.99 7.60 4.70
C THR A 253 -33.10 6.45 5.16
N ALA A 254 -32.31 6.69 6.21
CA ALA A 254 -31.41 5.66 6.72
C ALA A 254 -31.57 5.38 8.21
N PRO A 255 -31.11 4.20 8.66
CA PRO A 255 -31.17 3.76 10.06
C PRO A 255 -30.28 4.65 10.93
N PRO A 256 -30.89 5.39 11.87
CA PRO A 256 -30.15 6.28 12.75
C PRO A 256 -29.05 5.54 13.50
N ASP A 257 -29.23 4.24 13.69
CA ASP A 257 -28.22 3.44 14.38
C ASP A 257 -26.89 3.72 13.67
N LEU A 258 -26.94 3.66 12.34
CA LEU A 258 -25.79 3.90 11.49
C LEU A 258 -25.40 5.36 11.43
N ARG A 259 -26.35 6.22 11.06
CA ARG A 259 -26.05 7.63 10.96
C ARG A 259 -25.38 8.14 12.22
N ALA A 260 -25.51 7.38 13.30
CA ALA A 260 -24.94 7.72 14.58
C ALA A 260 -23.46 7.38 14.68
N GLU A 261 -23.08 6.21 14.17
CA GLU A 261 -21.68 5.78 14.19
C GLU A 261 -20.84 6.69 13.28
N LEU A 262 -21.38 7.01 12.11
CA LEU A 262 -20.68 7.88 11.17
C LEU A 262 -20.40 9.22 11.77
N GLY A 263 -21.46 9.93 12.16
CA GLY A 263 -21.30 11.24 12.78
C GLY A 263 -20.08 11.23 13.68
N LYS A 264 -19.96 10.17 14.46
CA LYS A 264 -18.84 10.02 15.34
C LYS A 264 -17.60 9.69 14.51
N ASP A 265 -17.61 8.50 13.92
CA ASP A 265 -16.54 7.97 13.10
C ASP A 265 -15.88 8.91 12.09
N LEU A 266 -16.64 9.84 11.52
CA LEU A 266 -16.07 10.75 10.53
C LEU A 266 -15.21 11.84 11.13
N GLN A 267 -15.59 12.29 12.32
CA GLN A 267 -14.83 13.34 12.99
C GLN A 267 -13.56 12.78 13.61
N GLU A 268 -13.29 11.52 13.31
CA GLU A 268 -12.09 10.85 13.81
C GLU A 268 -10.93 11.07 12.81
N PRO A 269 -9.67 10.87 13.24
CA PRO A 269 -8.49 11.03 12.39
C PRO A 269 -8.42 10.25 11.09
N GLU A 270 -8.41 8.92 11.18
CA GLU A 270 -8.32 8.07 9.98
C GLU A 270 -9.29 8.46 8.87
N PHE A 271 -10.23 9.35 9.18
CA PHE A 271 -11.22 9.82 8.22
C PHE A 271 -11.02 11.30 7.91
N SER A 272 -10.92 12.10 8.96
CA SER A 272 -10.78 13.53 8.79
C SER A 272 -9.72 14.07 9.73
N ALA A 273 -9.34 15.32 9.49
CA ALA A 273 -8.38 16.02 10.33
C ALA A 273 -9.06 17.32 10.72
N LYS A 274 -8.87 17.75 11.97
CA LYS A 274 -9.45 19.00 12.46
C LYS A 274 -8.45 20.15 12.31
N LYS A 275 -8.87 21.22 11.64
CA LYS A 275 -8.02 22.38 11.38
C LYS A 275 -8.56 23.66 12.01
N GLU A 276 -8.63 24.72 11.21
CA GLU A 276 -9.12 26.01 11.68
C GLU A 276 -10.58 25.85 12.15
N GLY A 277 -10.75 25.09 13.23
CA GLY A 277 -12.08 24.80 13.76
C GLY A 277 -12.82 23.94 12.76
N LYS A 278 -12.15 23.66 11.65
CA LYS A 278 -12.72 22.87 10.55
C LYS A 278 -12.42 21.39 10.67
N VAL A 279 -13.29 20.60 10.02
CA VAL A 279 -13.18 19.15 9.97
C VAL A 279 -12.92 18.85 8.48
N LEU A 280 -11.69 18.45 8.19
CA LEU A 280 -11.29 18.14 6.83
C LEU A 280 -11.17 16.64 6.54
N PHE A 281 -12.00 16.17 5.62
CA PHE A 281 -12.03 14.78 5.20
C PHE A 281 -10.92 14.46 4.17
N ASN A 282 -10.10 13.47 4.49
CA ASN A 282 -8.99 13.11 3.62
C ASN A 282 -9.36 12.64 2.21
N ASN A 283 -9.22 13.55 1.23
CA ASN A 283 -9.55 13.26 -0.16
C ASN A 283 -8.30 13.08 -1.05
N THR A 284 -7.21 12.63 -0.44
CA THR A 284 -5.96 12.40 -1.16
C THR A 284 -6.26 11.70 -2.46
N LEU A 285 -5.46 11.98 -3.51
CA LEU A 285 -5.63 11.35 -4.82
C LEU A 285 -4.38 10.57 -5.28
N SER A 286 -4.58 9.66 -6.23
CA SER A 286 -3.48 8.89 -6.80
C SER A 286 -3.43 9.05 -8.32
N PHE A 287 -2.22 9.29 -8.84
CA PHE A 287 -2.00 9.43 -10.27
C PHE A 287 -1.09 8.31 -10.76
N ILE A 288 -1.65 7.44 -11.60
CA ILE A 288 -0.88 6.33 -12.11
C ILE A 288 -0.56 6.50 -13.59
N VAL A 289 0.71 6.32 -13.92
CA VAL A 289 1.16 6.43 -15.29
C VAL A 289 1.68 5.05 -15.65
N ILE A 290 1.31 4.59 -16.84
CA ILE A 290 1.68 3.27 -17.32
C ILE A 290 2.45 3.35 -18.62
N GLU A 291 3.58 2.64 -18.72
CA GLU A 291 4.41 2.67 -19.92
C GLU A 291 3.86 1.73 -21.01
N ALA A 292 4.13 2.04 -22.27
CA ALA A 292 3.63 1.18 -23.34
C ALA A 292 4.45 -0.09 -23.49
N MET B 5 -6.11 -28.15 20.88
CA MET B 5 -5.17 -26.99 20.76
C MET B 5 -5.05 -26.49 19.31
N ARG B 6 -5.52 -25.27 19.06
CA ARG B 6 -5.48 -24.67 17.72
C ARG B 6 -4.45 -23.55 17.64
N SER B 7 -3.63 -23.60 16.59
CA SER B 7 -2.60 -22.58 16.37
C SER B 7 -3.12 -21.15 16.48
N LEU B 8 -2.41 -20.33 17.24
CA LEU B 8 -2.77 -18.93 17.41
C LEU B 8 -2.78 -18.17 16.09
N PHE B 9 -1.97 -18.59 15.14
CA PHE B 9 -1.90 -17.90 13.87
C PHE B 9 -3.15 -18.08 13.01
N SER B 10 -4.13 -18.82 13.54
CA SER B 10 -5.38 -19.07 12.81
C SER B 10 -6.52 -18.17 13.30
N ASP B 11 -6.19 -17.28 14.25
CA ASP B 11 -7.14 -16.32 14.81
C ASP B 11 -6.53 -14.91 14.76
N HIS B 12 -6.43 -14.39 13.53
CA HIS B 12 -5.90 -13.08 13.22
C HIS B 12 -6.20 -12.07 14.33
N GLY B 13 -7.38 -12.20 14.94
CA GLY B 13 -7.77 -11.29 15.99
C GLY B 13 -6.85 -11.40 17.18
N LYS B 14 -6.86 -12.57 17.82
CA LYS B 14 -6.06 -12.84 19.02
C LYS B 14 -4.60 -12.44 18.79
N TYR B 15 -4.01 -13.09 17.78
CA TYR B 15 -2.63 -12.88 17.39
C TYR B 15 -2.20 -11.46 17.68
N VAL B 16 -2.74 -10.54 16.88
CA VAL B 16 -2.44 -9.14 17.01
C VAL B 16 -2.47 -8.71 18.45
N GLU B 17 -3.63 -8.81 19.08
CA GLU B 17 -3.73 -8.42 20.48
C GLU B 17 -2.51 -8.87 21.26
N SER B 18 -2.14 -10.13 21.07
CA SER B 18 -0.98 -10.68 21.76
C SER B 18 0.29 -10.00 21.24
N PHE B 19 0.52 -10.08 19.93
CA PHE B 19 1.72 -9.48 19.36
C PHE B 19 1.95 -8.12 19.98
N ARG B 20 0.87 -7.33 20.05
CA ARG B 20 0.88 -5.99 20.60
C ARG B 20 1.34 -6.02 22.03
N ARG B 21 0.84 -6.99 22.77
CA ARG B 21 1.23 -7.12 24.18
C ARG B 21 2.69 -7.52 24.27
N PHE B 22 3.16 -8.23 23.24
CA PHE B 22 4.55 -8.66 23.17
C PHE B 22 5.49 -7.46 23.01
N LEU B 23 5.14 -6.54 22.11
CA LEU B 23 5.97 -5.38 21.92
C LEU B 23 5.95 -4.47 23.15
N ASN B 24 4.75 -4.31 23.72
CA ASN B 24 4.56 -3.47 24.89
C ASN B 24 5.35 -3.92 26.10
N HIS B 25 5.71 -5.21 26.15
CA HIS B 25 6.46 -5.71 27.29
C HIS B 25 7.77 -6.34 26.92
N SER B 26 8.45 -5.75 25.95
CA SER B 26 9.75 -6.25 25.49
C SER B 26 10.59 -5.12 24.93
N THR B 27 11.90 -5.33 24.89
CA THR B 27 12.82 -4.34 24.35
C THR B 27 13.09 -4.67 22.86
N GLU B 28 12.23 -5.48 22.27
CA GLU B 28 12.39 -5.89 20.88
C GLU B 28 12.75 -4.71 20.01
N HIS B 29 11.77 -3.86 19.81
CA HIS B 29 11.93 -2.69 18.96
C HIS B 29 13.13 -1.78 19.27
N GLN B 30 13.40 -1.54 20.54
CA GLN B 30 14.55 -0.72 20.85
C GLN B 30 15.82 -1.45 20.47
N CYS B 31 15.79 -2.77 20.59
CA CYS B 31 16.95 -3.58 20.27
C CYS B 31 17.40 -3.30 18.84
N MET B 32 16.45 -3.33 17.92
CA MET B 32 16.77 -3.10 16.52
C MET B 32 17.20 -1.67 16.26
N GLN B 33 16.67 -0.78 17.08
CA GLN B 33 17.00 0.64 17.01
C GLN B 33 18.51 0.79 17.20
N GLU B 34 19.04 0.11 18.21
CA GLU B 34 20.46 0.14 18.56
C GLU B 34 21.29 -0.44 17.43
N PHE B 35 20.82 -1.53 16.83
CA PHE B 35 21.55 -2.13 15.71
C PHE B 35 21.69 -1.10 14.58
N MET B 36 20.54 -0.57 14.16
CA MET B 36 20.47 0.41 13.11
C MET B 36 21.34 1.64 13.36
N ASP B 37 21.53 2.03 14.62
CA ASP B 37 22.33 3.22 14.94
C ASP B 37 23.80 2.97 15.10
N LYS B 38 24.15 1.90 15.81
CA LYS B 38 25.54 1.62 16.09
C LYS B 38 26.26 0.62 15.19
N LYS B 39 25.50 -0.12 14.36
CA LYS B 39 26.11 -1.13 13.51
C LYS B 39 25.83 -1.01 12.02
N LEU B 40 24.57 -0.79 11.67
CA LEU B 40 24.16 -0.69 10.27
C LEU B 40 25.02 0.22 9.41
N PRO B 41 25.25 1.46 9.86
CA PRO B 41 26.07 2.39 9.08
C PRO B 41 27.25 1.77 8.37
N GLY B 42 28.18 1.24 9.15
CA GLY B 42 29.37 0.63 8.59
C GLY B 42 29.07 -0.50 7.66
N ILE B 43 27.94 -1.17 7.90
CA ILE B 43 27.52 -2.28 7.09
C ILE B 43 27.12 -1.85 5.70
N ILE B 44 26.13 -0.97 5.59
CA ILE B 44 25.69 -0.49 4.29
C ILE B 44 26.57 0.64 3.70
N GLY B 45 27.80 0.72 4.17
CA GLY B 45 28.72 1.81 3.82
C GLY B 45 29.17 1.91 2.37
N ARG B 46 28.91 0.91 1.53
CA ARG B 46 29.38 0.98 0.16
C ARG B 46 28.43 0.41 -0.85
N ILE B 47 27.17 0.23 -0.47
CA ILE B 47 26.19 -0.33 -1.39
C ILE B 47 25.77 0.66 -2.46
N GLY B 48 26.09 1.93 -2.26
CA GLY B 48 25.73 2.91 -3.25
C GLY B 48 26.89 3.31 -4.16
N ASP B 49 28.12 3.04 -3.72
CA ASP B 49 29.29 3.40 -4.52
C ASP B 49 29.07 3.16 -5.99
N THR B 50 29.32 4.21 -6.77
CA THR B 50 29.19 4.21 -8.22
C THR B 50 27.81 4.09 -8.85
N LYS B 51 26.75 4.05 -8.06
CA LYS B 51 25.41 3.88 -8.60
C LYS B 51 24.61 5.17 -8.53
N SER B 52 23.82 5.46 -9.56
CA SER B 52 23.02 6.68 -9.57
C SER B 52 21.59 6.39 -9.13
N GLU B 53 21.40 5.21 -8.57
CA GLU B 53 20.11 4.80 -8.07
C GLU B 53 20.37 3.66 -7.10
N ILE B 54 19.99 3.81 -5.85
CA ILE B 54 20.18 2.72 -4.89
C ILE B 54 18.88 1.95 -4.71
N LYS B 55 18.90 0.65 -5.01
CA LYS B 55 17.70 -0.19 -4.87
C LYS B 55 17.67 -0.96 -3.55
N ILE B 56 16.56 -0.91 -2.82
CA ILE B 56 16.44 -1.62 -1.55
C ILE B 56 15.15 -2.44 -1.51
N LEU B 57 15.31 -3.76 -1.42
CA LEU B 57 14.17 -4.67 -1.40
C LEU B 57 13.90 -5.19 0.01
N SER B 58 12.69 -4.94 0.48
CA SER B 58 12.34 -5.39 1.81
C SER B 58 11.23 -6.42 1.79
N ILE B 59 11.57 -7.59 2.30
CA ILE B 59 10.60 -8.68 2.33
C ILE B 59 9.85 -8.62 3.69
N GLY B 60 8.61 -8.15 3.66
CA GLY B 60 7.83 -8.06 4.88
C GLY B 60 7.49 -6.63 5.26
N GLY B 61 6.20 -6.32 5.35
CA GLY B 61 5.80 -4.97 5.70
C GLY B 61 5.45 -4.80 7.17
N GLY B 62 6.01 -5.65 8.02
CA GLY B 62 5.72 -5.58 9.44
C GLY B 62 6.52 -4.56 10.27
N ALA B 63 7.71 -4.20 9.80
CA ALA B 63 8.50 -3.24 10.55
C ALA B 63 8.69 -1.94 9.78
N GLY B 64 7.60 -1.40 9.25
CA GLY B 64 7.68 -0.16 8.49
C GLY B 64 8.58 0.87 9.14
N GLU B 65 8.31 1.18 10.40
CA GLU B 65 9.12 2.14 11.12
C GLU B 65 10.59 1.78 11.07
N ILE B 66 10.94 0.50 11.02
CA ILE B 66 12.33 0.09 10.95
C ILE B 66 12.85 0.28 9.54
N ASP B 67 12.02 -0.04 8.56
CA ASP B 67 12.41 0.15 7.17
C ASP B 67 12.81 1.60 6.95
N LEU B 68 11.96 2.52 7.40
CA LEU B 68 12.20 3.94 7.26
C LEU B 68 13.49 4.34 7.93
N GLN B 69 13.80 3.70 9.04
CA GLN B 69 15.00 4.00 9.77
C GLN B 69 16.21 3.55 8.97
N ILE B 70 16.03 2.50 8.16
CA ILE B 70 17.11 2.00 7.34
C ILE B 70 17.39 3.07 6.31
N LEU B 71 16.34 3.57 5.67
CA LEU B 71 16.48 4.63 4.65
C LEU B 71 17.27 5.80 5.20
N SER B 72 16.91 6.25 6.39
CA SER B 72 17.57 7.34 7.06
C SER B 72 19.08 7.14 7.02
N LYS B 73 19.54 5.94 7.34
CA LYS B 73 20.97 5.68 7.34
C LYS B 73 21.55 5.59 5.94
N VAL B 74 20.76 5.15 4.99
CA VAL B 74 21.28 5.03 3.64
C VAL B 74 21.40 6.41 2.99
N GLN B 75 20.47 7.30 3.31
CA GLN B 75 20.50 8.64 2.74
C GLN B 75 21.67 9.46 3.28
N ALA B 76 21.98 9.24 4.55
CA ALA B 76 23.07 9.96 5.18
C ALA B 76 24.39 9.65 4.47
N GLN B 77 24.62 8.38 4.14
CA GLN B 77 25.86 7.97 3.46
C GLN B 77 25.90 8.42 1.99
N TYR B 78 24.74 8.48 1.35
CA TYR B 78 24.66 8.86 -0.04
C TYR B 78 23.69 10.00 -0.28
N PRO B 79 24.13 11.23 0.02
CA PRO B 79 23.31 12.43 -0.15
C PRO B 79 22.96 12.62 -1.60
N GLY B 80 21.73 13.01 -1.89
CA GLY B 80 21.34 13.27 -3.26
C GLY B 80 20.90 12.08 -4.07
N VAL B 81 21.49 10.92 -3.82
CA VAL B 81 21.16 9.71 -4.57
C VAL B 81 19.71 9.24 -4.35
N CYS B 82 18.98 9.06 -5.45
CA CYS B 82 17.58 8.63 -5.40
C CYS B 82 17.46 7.19 -4.93
N ILE B 83 16.45 6.88 -4.11
CA ILE B 83 16.28 5.51 -3.64
C ILE B 83 14.95 4.87 -4.00
N ASN B 84 15.03 3.64 -4.52
CA ASN B 84 13.86 2.84 -4.91
C ASN B 84 13.71 1.70 -3.87
N ASN B 85 12.67 1.77 -3.06
CA ASN B 85 12.41 0.80 -2.01
C ASN B 85 11.14 -0.02 -2.35
N GLU B 86 11.28 -1.30 -2.68
CA GLU B 86 10.09 -2.10 -2.93
C GLU B 86 9.79 -2.97 -1.70
N VAL B 87 8.52 -3.21 -1.43
CA VAL B 87 8.12 -3.98 -0.27
C VAL B 87 7.29 -5.18 -0.68
N VAL B 88 7.66 -6.35 -0.19
CA VAL B 88 6.92 -7.56 -0.53
C VAL B 88 6.16 -8.15 0.65
N GLU B 89 4.92 -7.71 0.81
CA GLU B 89 4.08 -8.13 1.92
C GLU B 89 2.73 -8.72 1.49
N PRO B 90 2.35 -9.85 2.11
CA PRO B 90 1.08 -10.52 1.79
C PRO B 90 -0.17 -9.93 2.47
N SER B 91 0.03 -9.32 3.63
CA SER B 91 -1.07 -8.72 4.40
C SER B 91 -1.49 -7.32 3.95
N ALA B 92 -2.72 -7.20 3.47
CA ALA B 92 -3.18 -5.90 3.02
C ALA B 92 -3.21 -4.97 4.21
N GLU B 93 -3.61 -5.52 5.35
CA GLU B 93 -3.70 -4.75 6.58
C GLU B 93 -2.37 -4.06 6.85
N GLN B 94 -1.28 -4.77 6.63
CA GLN B 94 0.05 -4.21 6.85
C GLN B 94 0.34 -3.11 5.84
N ILE B 95 0.39 -3.46 4.56
CA ILE B 95 0.66 -2.47 3.53
C ILE B 95 -0.12 -1.22 3.85
N ALA B 96 -1.41 -1.40 4.10
CA ALA B 96 -2.31 -0.30 4.42
C ALA B 96 -1.72 0.60 5.50
N LYS B 97 -1.26 -0.03 6.57
CA LYS B 97 -0.66 0.68 7.68
C LYS B 97 0.62 1.38 7.24
N TYR B 98 1.51 0.63 6.59
CA TYR B 98 2.78 1.13 6.05
C TYR B 98 2.50 2.48 5.39
N LYS B 99 1.68 2.44 4.35
CA LYS B 99 1.34 3.63 3.62
C LYS B 99 1.02 4.80 4.54
N GLU B 100 0.12 4.60 5.50
CA GLU B 100 -0.24 5.69 6.41
C GLU B 100 1.04 6.30 6.93
N LEU B 101 1.93 5.45 7.39
CA LEU B 101 3.19 5.89 7.94
C LEU B 101 4.00 6.75 7.00
N VAL B 102 4.02 6.36 5.74
CA VAL B 102 4.78 7.10 4.75
C VAL B 102 4.29 8.55 4.62
N ALA B 103 2.97 8.70 4.48
CA ALA B 103 2.35 10.01 4.35
C ALA B 103 2.65 10.99 5.49
N LYS B 104 2.85 10.46 6.68
CA LYS B 104 3.12 11.31 7.83
C LYS B 104 4.62 11.52 8.05
N THR B 105 5.44 11.11 7.11
CA THR B 105 6.88 11.27 7.30
C THR B 105 7.52 12.23 6.35
N SER B 106 8.58 12.89 6.82
CA SER B 106 9.31 13.86 6.02
C SER B 106 10.65 13.30 5.52
N ASN B 107 11.36 14.12 4.77
CA ASN B 107 12.65 13.77 4.19
C ASN B 107 12.64 12.49 3.35
N LEU B 108 11.55 12.29 2.60
CA LEU B 108 11.40 11.14 1.73
C LEU B 108 11.05 11.57 0.32
N GLU B 109 11.68 12.63 -0.16
CA GLU B 109 11.43 13.11 -1.51
C GLU B 109 12.31 12.36 -2.51
N ASN B 110 13.48 11.92 -2.02
CA ASN B 110 14.43 11.19 -2.86
C ASN B 110 14.22 9.69 -2.69
N VAL B 111 12.98 9.29 -2.43
CA VAL B 111 12.67 7.88 -2.26
C VAL B 111 11.41 7.55 -3.02
N LYS B 112 11.40 6.41 -3.71
CA LYS B 112 10.22 5.96 -4.46
C LYS B 112 9.79 4.62 -3.86
N PHE B 113 8.51 4.51 -3.49
CA PHE B 113 7.99 3.29 -2.90
C PHE B 113 7.08 2.54 -3.85
N ALA B 114 7.00 1.23 -3.65
CA ALA B 114 6.17 0.37 -4.48
C ALA B 114 5.84 -0.87 -3.68
N TRP B 115 4.57 -1.07 -3.35
CA TRP B 115 4.19 -2.26 -2.59
C TRP B 115 3.60 -3.35 -3.47
N HIS B 116 4.04 -4.59 -3.22
CA HIS B 116 3.57 -5.74 -3.94
C HIS B 116 2.92 -6.65 -2.92
N LYS B 117 1.64 -6.96 -3.14
CA LYS B 117 0.88 -7.83 -2.23
C LYS B 117 1.06 -9.29 -2.59
N GLU B 118 2.01 -9.97 -1.93
CA GLU B 118 2.25 -11.37 -2.20
C GLU B 118 3.26 -11.95 -1.21
N THR B 119 3.68 -13.18 -1.46
CA THR B 119 4.65 -13.83 -0.58
C THR B 119 5.99 -13.93 -1.28
N SER B 120 7.03 -14.05 -0.48
CA SER B 120 8.39 -14.18 -0.99
C SER B 120 8.33 -15.22 -2.09
N SER B 121 7.63 -16.31 -1.81
CA SER B 121 7.50 -17.42 -2.74
C SER B 121 6.83 -17.02 -4.05
N GLU B 122 5.64 -16.44 -3.95
CA GLU B 122 4.90 -16.02 -5.13
C GLU B 122 5.78 -15.05 -5.91
N TYR B 123 6.29 -14.03 -5.22
CA TYR B 123 7.18 -13.03 -5.82
C TYR B 123 8.28 -13.73 -6.59
N GLN B 124 9.00 -14.62 -5.91
CA GLN B 124 10.10 -15.36 -6.51
C GLN B 124 9.68 -16.13 -7.75
N SER B 125 8.57 -16.83 -7.65
CA SER B 125 8.07 -17.60 -8.77
C SER B 125 7.94 -16.67 -9.96
N ARG B 126 7.16 -15.60 -9.79
CA ARG B 126 6.95 -14.64 -10.85
C ARG B 126 8.23 -14.26 -11.56
N MET B 127 9.15 -13.62 -10.83
CA MET B 127 10.41 -13.20 -11.40
C MET B 127 11.00 -14.19 -12.40
N LEU B 128 11.06 -15.47 -12.02
CA LEU B 128 11.60 -16.48 -12.93
C LEU B 128 10.94 -16.50 -14.31
N GLU B 129 9.65 -16.16 -14.35
CA GLU B 129 8.91 -16.11 -15.61
C GLU B 129 9.52 -15.03 -16.48
N LYS B 130 9.89 -13.91 -15.85
CA LYS B 130 10.52 -12.83 -16.60
C LYS B 130 11.79 -13.40 -17.25
N LYS B 131 12.22 -12.81 -18.35
CA LYS B 131 13.41 -13.31 -19.04
C LYS B 131 14.63 -12.76 -18.30
N GLU B 132 14.62 -11.44 -18.13
CA GLU B 132 15.70 -10.73 -17.46
C GLU B 132 15.68 -10.96 -15.94
N LEU B 133 16.87 -10.95 -15.33
CA LEU B 133 16.99 -11.10 -13.89
C LEU B 133 17.42 -9.72 -13.41
N GLN B 134 16.75 -9.20 -12.39
CA GLN B 134 17.07 -7.87 -11.86
C GLN B 134 17.84 -8.01 -10.55
N LYS B 135 18.84 -7.17 -10.34
CA LYS B 135 19.64 -7.19 -9.13
C LYS B 135 19.23 -6.11 -8.14
N TRP B 136 19.79 -6.15 -6.94
CA TRP B 136 19.50 -5.20 -5.87
C TRP B 136 20.73 -4.86 -5.05
N ASP B 137 20.71 -3.69 -4.42
CA ASP B 137 21.84 -3.24 -3.60
C ASP B 137 21.67 -3.60 -2.14
N PHE B 138 20.44 -3.67 -1.66
CA PHE B 138 20.21 -4.04 -0.27
C PHE B 138 18.91 -4.83 -0.08
N ILE B 139 19.02 -6.03 0.47
CA ILE B 139 17.85 -6.87 0.71
C ILE B 139 17.80 -7.09 2.20
N HIS B 140 16.61 -7.22 2.76
CA HIS B 140 16.56 -7.48 4.19
C HIS B 140 15.33 -8.23 4.59
N MET B 141 15.50 -9.11 5.58
CA MET B 141 14.43 -9.95 6.07
C MET B 141 14.37 -9.90 7.60
N ILE B 142 13.51 -8.98 8.10
CA ILE B 142 13.36 -8.80 9.55
C ILE B 142 12.25 -9.66 10.11
N GLN B 143 12.60 -10.56 11.03
CA GLN B 143 11.60 -11.42 11.65
C GLN B 143 10.48 -11.96 10.75
N MET B 144 10.80 -12.70 9.66
CA MET B 144 9.70 -13.25 8.83
C MET B 144 9.97 -14.64 8.24
N LEU B 145 11.17 -15.18 8.40
CA LEU B 145 11.48 -16.49 7.85
C LEU B 145 10.56 -17.52 8.45
N TYR B 146 10.14 -17.27 9.68
CA TYR B 146 9.23 -18.23 10.31
C TYR B 146 8.13 -18.64 9.35
N TYR B 147 7.80 -17.71 8.45
CA TYR B 147 6.66 -17.94 7.52
C TYR B 147 7.09 -18.37 6.15
N VAL B 148 8.33 -18.76 5.97
CA VAL B 148 8.78 -19.20 4.66
C VAL B 148 8.77 -20.71 4.64
N LYS B 149 8.32 -21.31 3.56
CA LYS B 149 8.30 -22.77 3.51
C LYS B 149 9.67 -23.35 3.21
N ASP B 150 10.30 -22.87 2.14
CA ASP B 150 11.61 -23.35 1.73
C ASP B 150 12.72 -22.36 2.07
N ILE B 151 13.29 -22.47 3.26
CA ILE B 151 14.34 -21.54 3.67
C ILE B 151 15.55 -21.66 2.77
N PRO B 152 16.22 -22.82 2.73
CA PRO B 152 17.40 -22.93 1.86
C PRO B 152 17.21 -22.34 0.44
N ALA B 153 16.11 -22.69 -0.21
CA ALA B 153 15.82 -22.17 -1.55
C ALA B 153 15.64 -20.66 -1.52
N THR B 154 14.92 -20.15 -0.52
CA THR B 154 14.70 -18.72 -0.40
C THR B 154 16.02 -18.00 -0.23
N LEU B 155 16.86 -18.46 0.67
CA LEU B 155 18.15 -17.81 0.89
C LEU B 155 18.98 -17.71 -0.40
N LYS B 156 19.19 -18.84 -1.04
CA LYS B 156 19.99 -18.91 -2.25
C LYS B 156 19.50 -18.01 -3.35
N PHE B 157 18.20 -17.94 -3.50
CA PHE B 157 17.61 -17.11 -4.54
C PHE B 157 17.95 -15.62 -4.42
N PHE B 158 17.52 -15.02 -3.33
CA PHE B 158 17.76 -13.62 -3.10
C PHE B 158 19.22 -13.32 -3.06
N HIS B 159 20.05 -14.26 -2.62
CA HIS B 159 21.46 -13.96 -2.64
C HIS B 159 21.86 -13.69 -4.09
N SER B 160 21.34 -14.48 -5.00
CA SER B 160 21.66 -14.29 -6.41
C SER B 160 21.12 -12.97 -6.96
N LEU B 161 20.18 -12.36 -6.26
CA LEU B 161 19.64 -11.11 -6.74
C LEU B 161 20.50 -9.93 -6.30
N LEU B 162 21.51 -10.19 -5.49
CA LEU B 162 22.39 -9.14 -5.02
C LEU B 162 23.33 -8.63 -6.10
N GLY B 163 23.49 -7.31 -6.17
CA GLY B 163 24.37 -6.71 -7.13
C GLY B 163 25.74 -6.53 -6.54
N THR B 164 26.55 -5.69 -7.16
CA THR B 164 27.92 -5.44 -6.70
C THR B 164 27.99 -4.81 -5.31
N ASN B 165 28.78 -5.40 -4.44
CA ASN B 165 28.93 -4.87 -3.08
C ASN B 165 27.63 -4.79 -2.32
N ALA B 166 26.60 -5.46 -2.81
CA ALA B 166 25.29 -5.49 -2.18
C ALA B 166 25.36 -6.30 -0.88
N LYS B 167 24.28 -6.28 -0.09
CA LYS B 167 24.23 -7.03 1.14
C LYS B 167 22.81 -7.41 1.50
N MET B 168 22.67 -8.54 2.15
CA MET B 168 21.37 -9.06 2.58
C MET B 168 21.42 -9.19 4.10
N LEU B 169 20.43 -8.62 4.78
CA LEU B 169 20.38 -8.66 6.23
C LEU B 169 19.19 -9.43 6.74
N ILE B 170 19.44 -10.34 7.67
CA ILE B 170 18.39 -11.16 8.22
C ILE B 170 18.34 -11.20 9.73
N ILE B 171 17.13 -11.06 10.27
CA ILE B 171 16.96 -11.09 11.71
C ILE B 171 16.00 -12.19 12.14
N VAL B 172 16.45 -12.97 13.12
CA VAL B 172 15.69 -14.06 13.74
C VAL B 172 16.11 -14.09 15.21
N VAL B 173 15.39 -14.84 16.03
CA VAL B 173 15.73 -14.96 17.43
C VAL B 173 17.03 -15.77 17.53
N SER B 174 17.92 -15.37 18.43
CA SER B 174 19.19 -16.07 18.57
C SER B 174 19.16 -17.47 19.12
N GLY B 175 20.13 -18.27 18.67
CA GLY B 175 20.23 -19.63 19.13
C GLY B 175 20.21 -19.57 20.64
N SER B 176 21.15 -18.86 21.21
CA SER B 176 21.21 -18.75 22.65
C SER B 176 20.11 -17.80 23.16
N SER B 177 18.89 -18.31 23.25
CA SER B 177 17.77 -17.51 23.72
C SER B 177 16.73 -18.41 24.33
N GLY B 178 15.82 -17.81 25.08
CA GLY B 178 14.76 -18.55 25.72
C GLY B 178 13.96 -19.33 24.70
N TRP B 179 13.59 -18.68 23.59
CA TRP B 179 12.82 -19.34 22.54
C TRP B 179 13.46 -20.67 22.17
N ASP B 180 14.78 -20.68 21.99
CA ASP B 180 15.49 -21.88 21.62
C ASP B 180 15.14 -23.00 22.60
N LYS B 181 15.30 -22.69 23.88
CA LYS B 181 14.99 -23.67 24.91
C LYS B 181 13.51 -24.06 24.77
N LEU B 182 12.64 -23.06 24.88
CA LEU B 182 11.21 -23.28 24.78
C LEU B 182 10.82 -24.24 23.66
N TRP B 183 11.48 -24.17 22.52
CA TRP B 183 11.10 -25.04 21.40
C TRP B 183 11.77 -26.42 21.36
N LYS B 184 13.07 -26.46 21.67
CA LYS B 184 13.77 -27.73 21.64
C LYS B 184 13.07 -28.68 22.59
N LYS B 185 12.61 -28.17 23.72
CA LYS B 185 11.97 -28.99 24.72
C LYS B 185 10.46 -29.20 24.59
N TYR B 186 9.70 -28.12 24.43
CA TYR B 186 8.24 -28.20 24.37
C TYR B 186 7.58 -28.25 23.00
N GLY B 187 8.25 -27.71 21.99
CA GLY B 187 7.72 -27.68 20.63
C GLY B 187 6.73 -28.77 20.26
N SER B 188 7.21 -30.01 20.18
CA SER B 188 6.38 -31.16 19.86
C SER B 188 5.01 -31.10 20.51
N ARG B 189 4.99 -30.58 21.73
CA ARG B 189 3.77 -30.50 22.49
C ARG B 189 2.88 -29.27 22.23
N PHE B 190 3.14 -28.54 21.14
CA PHE B 190 2.33 -27.36 20.77
C PHE B 190 1.71 -27.57 19.40
N PRO B 191 0.63 -26.86 19.09
CA PRO B 191 -0.06 -26.98 17.80
C PRO B 191 0.84 -26.81 16.56
N GLN B 192 1.06 -27.91 15.85
CA GLN B 192 1.88 -27.92 14.64
C GLN B 192 1.17 -27.34 13.41
N ASP B 193 1.47 -26.08 13.12
CA ASP B 193 0.88 -25.36 11.98
C ASP B 193 1.79 -25.51 10.76
N ASP B 194 1.22 -25.26 9.59
CA ASP B 194 1.92 -25.34 8.32
C ASP B 194 2.40 -23.97 7.90
N LEU B 195 1.80 -22.97 8.52
CA LEU B 195 2.11 -21.56 8.27
C LEU B 195 3.37 -21.14 9.02
N CYS B 196 3.41 -21.43 10.31
CA CYS B 196 4.57 -21.06 11.09
C CYS B 196 5.63 -22.16 11.03
N GLN B 197 6.80 -21.89 11.61
CA GLN B 197 7.89 -22.84 11.63
C GLN B 197 8.96 -22.35 12.61
N TYR B 198 9.25 -23.12 13.63
CA TYR B 198 10.25 -22.72 14.63
C TYR B 198 11.62 -22.69 14.02
N ILE B 199 12.31 -21.55 14.09
CA ILE B 199 13.66 -21.48 13.53
C ILE B 199 14.53 -20.50 14.30
N THR B 200 15.77 -20.87 14.57
CA THR B 200 16.67 -19.99 15.30
C THR B 200 17.89 -19.65 14.46
N SER B 201 18.68 -18.69 14.92
CA SER B 201 19.87 -18.28 14.20
C SER B 201 20.78 -19.47 13.95
N ASP B 202 20.62 -20.52 14.74
CA ASP B 202 21.42 -21.71 14.62
C ASP B 202 21.06 -22.46 13.35
N ASP B 203 19.78 -22.78 13.24
CA ASP B 203 19.31 -23.46 12.06
C ASP B 203 19.81 -22.71 10.83
N LEU B 204 19.85 -21.39 10.96
CA LEU B 204 20.29 -20.53 9.89
C LEU B 204 21.74 -20.65 9.47
N THR B 205 22.67 -20.61 10.41
CA THR B 205 24.05 -20.71 10.00
C THR B 205 24.36 -22.04 9.36
N GLN B 206 23.75 -23.12 9.85
CA GLN B 206 23.98 -24.44 9.25
C GLN B 206 23.59 -24.37 7.76
N MET B 207 22.38 -23.91 7.49
CA MET B 207 21.91 -23.82 6.14
C MET B 207 22.82 -22.97 5.27
N LEU B 208 23.26 -21.85 5.83
CA LEU B 208 24.14 -20.95 5.11
C LEU B 208 25.48 -21.61 4.90
N ASP B 209 25.99 -22.32 5.90
CA ASP B 209 27.27 -23.05 5.75
C ASP B 209 27.19 -24.03 4.59
N ASN B 210 26.19 -24.89 4.63
CA ASN B 210 25.99 -25.87 3.59
C ASN B 210 25.79 -25.19 2.25
N LEU B 211 25.28 -23.97 2.26
CA LEU B 211 25.08 -23.28 0.98
C LEU B 211 26.39 -22.69 0.48
N GLY B 212 27.33 -22.50 1.41
CA GLY B 212 28.63 -21.97 1.06
C GLY B 212 28.77 -20.46 0.99
N LEU B 213 27.78 -19.75 1.50
CA LEU B 213 27.78 -18.31 1.48
C LEU B 213 28.59 -17.73 2.60
N LYS B 214 29.12 -16.53 2.40
CA LYS B 214 29.92 -15.85 3.42
C LYS B 214 29.00 -14.89 4.21
N TYR B 215 28.87 -15.14 5.49
CA TYR B 215 28.02 -14.33 6.35
C TYR B 215 28.71 -13.84 7.62
N GLU B 216 28.01 -13.04 8.39
CA GLU B 216 28.56 -12.54 9.64
C GLU B 216 27.35 -12.36 10.55
N CYS B 217 27.37 -13.02 11.71
CA CYS B 217 26.27 -13.00 12.67
C CYS B 217 26.53 -12.12 13.88
N TYR B 218 25.54 -11.32 14.29
CA TYR B 218 25.64 -10.43 15.47
C TYR B 218 24.48 -10.65 16.45
N ASP B 219 24.78 -10.85 17.73
CA ASP B 219 23.75 -11.08 18.75
C ASP B 219 23.66 -9.90 19.70
N LEU B 220 22.44 -9.49 20.04
CA LEU B 220 22.24 -8.41 21.00
C LEU B 220 21.19 -8.87 21.99
N LEU B 221 21.31 -8.47 23.24
CA LEU B 221 20.34 -8.89 24.23
C LEU B 221 19.01 -8.14 24.13
N SER B 222 17.92 -8.86 24.36
CA SER B 222 16.58 -8.28 24.33
C SER B 222 15.75 -9.09 25.30
N THR B 223 14.82 -8.45 26.01
CA THR B 223 14.00 -9.16 26.98
C THR B 223 12.51 -9.01 26.77
N MET B 224 11.76 -9.91 27.40
CA MET B 224 10.30 -9.94 27.37
C MET B 224 9.84 -10.14 28.81
N ASP B 225 9.25 -9.09 29.39
CA ASP B 225 8.74 -9.13 30.76
C ASP B 225 7.49 -10.00 30.80
N ILE B 226 7.64 -11.21 31.34
CA ILE B 226 6.51 -12.14 31.42
C ILE B 226 5.94 -12.25 32.84
N SER B 227 6.25 -11.26 33.67
CA SER B 227 5.79 -11.23 35.04
C SER B 227 4.29 -11.55 35.20
N ASP B 228 3.42 -10.89 34.43
CA ASP B 228 1.98 -11.14 34.54
C ASP B 228 1.60 -12.56 34.13
N CYS B 229 2.58 -13.42 33.91
CA CYS B 229 2.28 -14.78 33.50
C CYS B 229 2.20 -15.73 34.68
N PHE B 230 2.40 -15.18 35.87
CA PHE B 230 2.34 -16.00 37.08
C PHE B 230 1.15 -15.61 37.96
N ILE B 231 0.56 -14.47 37.63
CA ILE B 231 -0.60 -13.93 38.33
C ILE B 231 -1.90 -14.56 37.78
N ASP B 232 -2.17 -15.80 38.19
CA ASP B 232 -3.37 -16.49 37.72
C ASP B 232 -4.56 -15.53 37.56
N GLY B 233 -5.21 -15.58 36.40
CA GLY B 233 -6.36 -14.72 36.15
C GLY B 233 -6.11 -13.41 35.39
N ASN B 234 -4.87 -12.90 35.48
CA ASN B 234 -4.49 -11.66 34.82
C ASN B 234 -4.79 -11.71 33.31
N GLU B 235 -5.50 -10.71 32.79
CA GLU B 235 -5.79 -10.70 31.36
C GLU B 235 -4.50 -10.60 30.57
N ASN B 236 -3.66 -9.63 30.94
CA ASN B 236 -2.38 -9.43 30.25
C ASN B 236 -1.61 -10.74 30.25
N GLY B 237 -1.42 -11.28 31.45
CA GLY B 237 -0.73 -12.55 31.59
C GLY B 237 -1.17 -13.59 30.57
N ASP B 238 -2.50 -13.70 30.39
CA ASP B 238 -3.09 -14.65 29.44
C ASP B 238 -2.61 -14.44 28.00
N LEU B 239 -2.64 -13.20 27.53
CA LEU B 239 -2.21 -12.89 26.19
C LEU B 239 -0.77 -13.36 25.97
N LEU B 240 0.13 -12.93 26.84
CA LEU B 240 1.52 -13.35 26.74
C LEU B 240 1.59 -14.87 26.58
N TRP B 241 0.95 -15.59 27.50
CA TRP B 241 0.94 -17.05 27.44
C TRP B 241 0.58 -17.48 26.01
N ASP B 242 -0.45 -16.86 25.44
CA ASP B 242 -0.86 -17.18 24.08
C ASP B 242 0.28 -17.02 23.05
N PHE B 243 1.12 -16.03 23.28
CA PHE B 243 2.24 -15.74 22.38
C PHE B 243 3.31 -16.83 22.44
N LEU B 244 3.88 -17.07 23.62
CA LEU B 244 4.93 -18.07 23.76
C LEU B 244 4.50 -19.41 23.19
N THR B 245 3.25 -19.76 23.45
CA THR B 245 2.67 -21.02 23.02
C THR B 245 2.10 -20.94 21.62
N GLU B 246 2.03 -19.74 21.07
CA GLU B 246 1.51 -19.55 19.72
C GLU B 246 0.19 -20.29 19.59
N THR B 247 -0.62 -20.29 20.66
CA THR B 247 -1.91 -20.99 20.72
C THR B 247 -2.96 -20.02 21.19
N CYS B 248 -4.22 -20.33 20.88
CA CYS B 248 -5.32 -19.44 21.23
C CYS B 248 -5.95 -19.83 22.59
N ASN B 249 -6.03 -18.83 23.51
CA ASN B 249 -6.58 -18.99 24.88
C ASN B 249 -5.92 -20.20 25.50
N PHE B 250 -4.60 -20.21 25.50
CA PHE B 250 -3.78 -21.32 25.97
C PHE B 250 -4.24 -22.06 27.22
N ASN B 251 -4.34 -21.29 28.32
CA ASN B 251 -4.75 -21.76 29.67
C ASN B 251 -6.03 -22.54 29.64
N ALA B 252 -7.14 -21.90 29.28
CA ALA B 252 -8.40 -22.60 29.23
C ALA B 252 -8.53 -23.65 28.12
N THR B 253 -7.46 -23.95 27.40
CA THR B 253 -7.57 -24.95 26.35
C THR B 253 -6.43 -25.95 26.27
N ALA B 254 -5.60 -25.99 27.30
CA ALA B 254 -4.47 -26.91 27.31
C ALA B 254 -4.40 -27.82 28.55
N PRO B 255 -3.67 -28.94 28.45
CA PRO B 255 -3.49 -29.91 29.53
C PRO B 255 -2.70 -29.30 30.69
N PRO B 256 -3.33 -29.16 31.85
CA PRO B 256 -2.67 -28.56 33.02
C PRO B 256 -1.36 -29.27 33.37
N ASP B 257 -1.27 -30.54 33.00
CA ASP B 257 -0.05 -31.28 33.28
C ASP B 257 1.11 -30.45 32.73
N LEU B 258 0.93 -29.99 31.49
CA LEU B 258 1.91 -29.18 30.79
C LEU B 258 2.00 -27.75 31.34
N ARG B 259 0.88 -27.05 31.37
CA ARG B 259 0.87 -25.69 31.87
C ARG B 259 1.57 -25.61 33.22
N ALA B 260 1.70 -26.75 33.87
CA ALA B 260 2.34 -26.84 35.18
C ALA B 260 3.86 -26.86 35.09
N GLU B 261 4.38 -27.59 34.11
CA GLU B 261 5.83 -27.68 33.91
C GLU B 261 6.38 -26.34 33.45
N LEU B 262 5.63 -25.68 32.57
CA LEU B 262 6.04 -24.38 32.06
C LEU B 262 6.14 -23.37 33.19
N GLY B 263 5.01 -23.14 33.86
CA GLY B 263 4.98 -22.20 34.97
C GLY B 263 6.28 -22.29 35.73
N LYS B 264 6.69 -23.52 35.98
CA LYS B 264 7.92 -23.76 36.70
C LYS B 264 9.09 -23.41 35.79
N ASP B 265 9.25 -24.24 34.76
CA ASP B 265 10.31 -24.14 33.77
C ASP B 265 10.66 -22.76 33.22
N LEU B 266 9.66 -21.86 33.12
CA LEU B 266 9.93 -20.53 32.57
C LEU B 266 10.63 -19.62 33.55
N GLN B 267 10.28 -19.73 34.84
CA GLN B 267 10.89 -18.90 35.88
C GLN B 267 12.31 -19.38 36.17
N GLU B 268 12.80 -20.31 35.37
CA GLU B 268 14.16 -20.85 35.53
C GLU B 268 15.12 -20.00 34.69
N PRO B 269 16.44 -20.09 34.95
CA PRO B 269 17.47 -19.31 34.22
C PRO B 269 17.56 -19.47 32.71
N GLU B 270 17.81 -20.69 32.24
CA GLU B 270 17.93 -20.93 30.80
C GLU B 270 16.77 -20.35 29.99
N PHE B 271 15.73 -19.90 30.67
CA PHE B 271 14.56 -19.32 30.02
C PHE B 271 14.42 -17.84 30.37
N SER B 272 14.48 -17.54 31.66
CA SER B 272 14.34 -16.17 32.08
C SER B 272 15.35 -15.85 33.15
N ALA B 273 15.48 -14.55 33.43
CA ALA B 273 16.38 -14.05 34.46
C ALA B 273 15.52 -13.21 35.38
N LYS B 274 15.77 -13.28 36.69
CA LYS B 274 14.99 -12.50 37.66
C LYS B 274 15.72 -11.21 37.98
N LYS B 275 15.01 -10.08 37.84
CA LYS B 275 15.60 -8.76 38.09
C LYS B 275 14.90 -8.00 39.22
N GLU B 276 14.54 -6.75 38.94
CA GLU B 276 13.87 -5.92 39.92
C GLU B 276 12.55 -6.59 40.30
N GLY B 277 12.65 -7.73 40.98
CA GLY B 277 11.47 -8.48 41.36
C GLY B 277 10.80 -9.00 40.11
N LYS B 278 11.38 -8.63 38.96
CA LYS B 278 10.85 -9.03 37.66
C LYS B 278 11.44 -10.34 37.11
N VAL B 279 10.65 -10.97 36.25
CA VAL B 279 11.03 -12.21 35.57
C VAL B 279 11.17 -11.83 34.09
N LEU B 280 12.42 -11.77 33.62
CA LEU B 280 12.71 -11.40 32.25
C LEU B 280 13.11 -12.56 31.35
N PHE B 281 12.27 -12.81 30.35
CA PHE B 281 12.45 -13.89 29.36
C PHE B 281 13.49 -13.50 28.28
N ASN B 282 14.53 -14.31 28.12
CA ASN B 282 15.58 -14.02 27.16
C ASN B 282 15.15 -13.96 25.70
N ASN B 283 15.01 -12.74 25.18
CA ASN B 283 14.60 -12.48 23.80
C ASN B 283 15.74 -12.00 22.91
N THR B 284 16.96 -12.39 23.26
CA THR B 284 18.13 -12.04 22.47
C THR B 284 17.83 -12.21 20.98
N LEU B 285 18.44 -11.38 20.15
CA LEU B 285 18.24 -11.43 18.70
C LEU B 285 19.54 -11.63 17.92
N SER B 286 19.41 -12.12 16.68
CA SER B 286 20.56 -12.32 15.80
C SER B 286 20.41 -11.54 14.49
N PHE B 287 21.49 -10.87 14.10
CA PHE B 287 21.53 -10.10 12.87
C PHE B 287 22.58 -10.69 11.94
N ILE B 288 22.13 -11.24 10.83
CA ILE B 288 23.03 -11.84 9.89
C ILE B 288 23.15 -11.03 8.61
N VAL B 289 24.38 -10.77 8.21
CA VAL B 289 24.64 -10.02 7.01
C VAL B 289 25.36 -10.99 6.09
N ILE B 290 24.97 -11.00 4.84
CA ILE B 290 25.54 -11.91 3.86
C ILE B 290 26.12 -11.13 2.67
N GLU B 291 27.36 -11.46 2.26
CA GLU B 291 28.02 -10.76 1.15
C GLU B 291 27.53 -11.28 -0.22
N ALA B 292 27.57 -10.44 -1.23
CA ALA B 292 27.12 -10.88 -2.55
C ALA B 292 28.17 -11.75 -3.23
C1 THA C . -15.12 13.02 -10.70
C2 THA C . -16.07 11.78 -10.27
C3 THA C . -15.81 11.25 -8.88
C4 THA C . -14.98 11.99 -7.90
C5 THA C . -14.31 13.33 -8.22
C6 THA C . -14.63 13.99 -9.59
N7 THA C . -16.38 10.07 -8.57
C8 THA C . -16.25 9.46 -7.19
C9 THA C . -15.39 10.19 -6.19
C10 THA C . -14.77 11.43 -6.58
C11 THA C . -16.90 8.20 -6.81
C12 THA C . -16.72 7.66 -5.47
C13 THA C . -15.87 8.40 -4.54
C14 THA C . -15.21 9.64 -4.87
N15 THA C . -13.90 12.17 -5.63
C1 THA D . 7.98 -9.72 14.47
C2 THA D . 7.27 -11.14 14.38
C3 THA D . 7.78 -12.16 15.34
C4 THA D . 8.67 -11.78 16.48
C5 THA D . 9.10 -10.33 16.71
C6 THA D . 8.49 -9.23 15.82
N7 THA D . 7.42 -13.46 15.15
C8 THA D . 7.84 -14.53 16.09
C9 THA D . 8.74 -14.17 17.23
C10 THA D . 9.15 -12.81 17.39
C11 THA D . 7.39 -15.92 15.92
C12 THA D . 7.83 -16.95 16.89
C13 THA D . 8.73 -16.54 17.99
C14 THA D . 9.18 -15.18 18.15
N15 THA D . 10.06 -12.39 18.49
#